data_3GSQ
#
_entry.id   3GSQ
#
_cell.length_a   54.047
_cell.length_b   80.897
_cell.length_c   57.659
_cell.angle_alpha   90.000
_cell.angle_beta   114.170
_cell.angle_gamma   90.000
#
_symmetry.space_group_name_H-M   'P 1 21 1'
#
loop_
_entity.id
_entity.type
_entity.pdbx_description
1 polymer 'HLA class I histocompatibility antigen, A-2 alpha chain'
2 polymer Beta-2-microglobulin
3 polymer 'HCMV pp65 fragment 495-503, variant M5S (NLVPSVATV)'
4 water water
#
loop_
_entity_poly.entity_id
_entity_poly.type
_entity_poly.pdbx_seq_one_letter_code
_entity_poly.pdbx_strand_id
1 'polypeptide(L)'
;GSHSMRYFFTSVSRPGRGEPRFIAVGYVDDTQFVRFDSDAASQRMEPRAPWIEQEGPEYWDGETRKVKAHSQTHRVDLGT
LRGYYNQSEAGSHTVQRMYGCDVGSDWRFLRGYHQYAYDGKDYIALKEDLRSWTAADMAAQTTKHKWEAAHVAEQLRAYL
EGTCVEWLRRYLENGKETLQRTDAPKTHMTHHAVSDHEATLRCWALSFYPAEITLTWQRDGEDQTQDTELVETRPAGDGT
FQKWVAVVVPSGQEQRYTCHVQHEGLPKPLTLRW
;
A
2 'polypeptide(L)'
;MIQRTPKIQVYSRHPAENGKSNFLNCYVSGFHPSDIEVDLLKNGERIEKVEHSDLSFSKDWSFYLLYYTEFTPTEKDEYA
CRVNHVTLSQPKIVKWDRDM
;
B
3 'polypeptide(L)' NLVPSVATV P
#
# COMPACT_ATOMS: atom_id res chain seq x y z
N GLY A 1 -12.92 -16.42 -2.95
CA GLY A 1 -13.60 -15.24 -3.58
C GLY A 1 -12.80 -14.73 -4.76
N SER A 2 -12.85 -13.41 -4.97
CA SER A 2 -12.16 -12.82 -6.11
C SER A 2 -10.66 -12.66 -5.81
N HIS A 3 -9.85 -12.51 -6.85
CA HIS A 3 -8.40 -12.34 -6.67
C HIS A 3 -7.87 -11.28 -7.64
N SER A 4 -6.68 -10.74 -7.36
CA SER A 4 -6.04 -9.81 -8.27
C SER A 4 -4.53 -10.04 -8.36
N MET A 5 -3.96 -9.66 -9.50
CA MET A 5 -2.52 -9.41 -9.63
C MET A 5 -2.36 -7.95 -10.05
N ARG A 6 -1.50 -7.22 -9.34
CA ARG A 6 -1.26 -5.80 -9.58
C ARG A 6 0.24 -5.51 -9.46
N TYR A 7 0.72 -4.69 -10.40
CA TYR A 7 2.08 -4.18 -10.36
C TYR A 7 2.03 -2.67 -10.12
N PHE A 8 2.95 -2.17 -9.28
CA PHE A 8 3.06 -0.74 -8.97
C PHE A 8 4.48 -0.29 -9.26
N PHE A 9 4.63 0.83 -9.97
CA PHE A 9 5.93 1.35 -10.39
C PHE A 9 6.02 2.86 -10.12
N THR A 10 7.13 3.27 -9.52
CA THR A 10 7.40 4.70 -9.26
C THR A 10 8.78 5.02 -9.77
N SER A 11 8.91 6.09 -10.56
CA SER A 11 10.22 6.64 -10.89
C SER A 11 10.24 8.09 -10.42
N VAL A 12 11.36 8.51 -9.84
CA VAL A 12 11.56 9.89 -9.37
C VAL A 12 12.87 10.43 -9.95
N SER A 13 12.77 11.48 -10.78
CA SER A 13 13.98 12.05 -11.40
C SER A 13 14.95 12.65 -10.39
N ARG A 14 16.24 12.63 -10.74
CA ARG A 14 17.29 13.18 -9.88
C ARG A 14 18.11 14.15 -10.72
N PRO A 15 17.69 15.43 -10.73
CA PRO A 15 18.20 16.57 -11.50
C PRO A 15 19.72 16.61 -11.72
N GLY A 16 20.48 16.70 -10.64
CA GLY A 16 21.92 16.96 -10.75
C GLY A 16 22.81 15.94 -11.45
N ARG A 17 22.46 14.66 -11.34
CA ARG A 17 23.32 13.60 -11.88
C ARG A 17 22.59 12.27 -11.99
N GLY A 18 22.70 11.64 -13.16
CA GLY A 18 22.37 10.21 -13.31
C GLY A 18 20.90 9.96 -13.53
N GLU A 19 20.51 8.69 -13.60
CA GLU A 19 19.14 8.30 -13.92
C GLU A 19 18.20 8.41 -12.71
N PRO A 20 16.88 8.29 -12.95
CA PRO A 20 15.92 8.38 -11.86
C PRO A 20 15.93 7.15 -10.94
N ARG A 21 15.47 7.34 -9.71
CA ARG A 21 15.17 6.23 -8.82
C ARG A 21 13.93 5.49 -9.35
N PHE A 22 14.03 4.17 -9.48
CA PHE A 22 12.95 3.33 -9.99
C PHE A 22 12.62 2.20 -9.01
N ILE A 23 11.38 2.17 -8.53
CA ILE A 23 10.94 1.08 -7.66
C ILE A 23 9.71 0.42 -8.25
N ALA A 24 9.77 -0.90 -8.33
CA ALA A 24 8.68 -1.73 -8.85
C ALA A 24 8.30 -2.77 -7.82
N VAL A 25 6.99 -2.92 -7.58
CA VAL A 25 6.51 -3.96 -6.68
C VAL A 25 5.34 -4.71 -7.32
N GLY A 26 5.30 -6.02 -7.11
CA GLY A 26 4.20 -6.88 -7.57
C GLY A 26 3.46 -7.55 -6.43
N TYR A 27 2.12 -7.55 -6.52
CA TYR A 27 1.24 -8.14 -5.52
C TYR A 27 0.32 -9.18 -6.13
N VAL A 28 0.04 -10.23 -5.37
CA VAL A 28 -1.15 -11.02 -5.63
C VAL A 28 -2.06 -10.75 -4.43
N ASP A 29 -3.29 -10.31 -4.69
CA ASP A 29 -4.14 -9.82 -3.60
C ASP A 29 -3.35 -8.82 -2.70
N ASP A 30 -3.28 -9.07 -1.40
CA ASP A 30 -2.54 -8.19 -0.49
C ASP A 30 -1.15 -8.75 -0.11
N THR A 31 -0.59 -9.63 -0.94
CA THR A 31 0.74 -10.21 -0.69
C THR A 31 1.73 -9.73 -1.75
N GLN A 32 2.78 -9.04 -1.33
CA GLN A 32 3.85 -8.69 -2.26
C GLN A 32 4.69 -9.94 -2.59
N PHE A 33 4.96 -10.17 -3.88
CA PHE A 33 5.73 -11.35 -4.29
C PHE A 33 7.06 -11.08 -5.00
N VAL A 34 7.20 -9.87 -5.56
CA VAL A 34 8.44 -9.44 -6.21
C VAL A 34 8.74 -7.96 -6.01
N ARG A 35 9.99 -7.60 -6.25
CA ARG A 35 10.46 -6.21 -6.22
C ARG A 35 11.68 -5.98 -7.10
N PHE A 36 11.80 -4.75 -7.59
CA PHE A 36 13.04 -4.27 -8.16
C PHE A 36 13.24 -2.88 -7.59
N ASP A 37 14.45 -2.60 -7.15
CA ASP A 37 14.81 -1.25 -6.68
C ASP A 37 16.09 -0.90 -7.42
N SER A 38 16.03 0.17 -8.20
CA SER A 38 17.19 0.62 -8.96
C SER A 38 18.39 0.96 -8.09
N ASP A 39 18.18 1.24 -6.79
CA ASP A 39 19.31 1.52 -5.86
C ASP A 39 19.92 0.29 -5.21
N ALA A 40 19.32 -0.88 -5.40
CA ALA A 40 19.84 -2.11 -4.84
C ALA A 40 21.01 -2.65 -5.67
N ALA A 41 21.82 -3.51 -5.03
CA ALA A 41 23.04 -4.03 -5.65
C ALA A 41 22.79 -5.05 -6.78
N SER A 42 21.77 -5.88 -6.64
CA SER A 42 21.60 -7.03 -7.56
C SER A 42 21.22 -6.63 -9.00
N GLN A 43 20.52 -5.51 -9.15
CA GLN A 43 19.94 -5.13 -10.42
C GLN A 43 19.15 -6.29 -11.05
N ARG A 44 18.46 -7.06 -10.21
CA ARG A 44 17.61 -8.17 -10.66
C ARG A 44 16.23 -8.04 -10.06
N MET A 45 15.22 -8.61 -10.71
CA MET A 45 13.93 -8.77 -10.03
C MET A 45 14.13 -9.77 -8.90
N GLU A 46 13.65 -9.42 -7.69
CA GLU A 46 13.87 -10.24 -6.48
C GLU A 46 12.56 -10.86 -5.93
N PRO A 47 12.63 -12.12 -5.44
CA PRO A 47 11.49 -12.73 -4.76
C PRO A 47 11.18 -12.08 -3.40
N ARG A 48 9.89 -11.99 -3.06
CA ARG A 48 9.44 -11.49 -1.78
C ARG A 48 8.39 -12.40 -1.12
N ALA A 49 8.01 -13.46 -1.82
CA ALA A 49 7.19 -14.55 -1.27
C ALA A 49 7.85 -15.90 -1.58
N PRO A 50 7.84 -16.85 -0.62
CA PRO A 50 8.51 -18.13 -0.89
C PRO A 50 7.96 -18.92 -2.08
N TRP A 51 6.66 -18.84 -2.37
CA TRP A 51 6.05 -19.56 -3.52
C TRP A 51 6.51 -19.10 -4.91
N ILE A 52 7.09 -17.90 -5.00
CA ILE A 52 7.60 -17.41 -6.29
C ILE A 52 9.02 -17.94 -6.55
N GLU A 53 9.66 -18.40 -5.48
CA GLU A 53 10.99 -18.99 -5.56
C GLU A 53 10.98 -20.33 -6.31
N GLN A 54 9.80 -20.93 -6.44
CA GLN A 54 9.61 -22.14 -7.25
C GLN A 54 9.98 -21.87 -8.70
N GLU A 55 9.86 -20.61 -9.12
CA GLU A 55 10.08 -20.22 -10.52
C GLU A 55 11.54 -20.33 -10.88
N GLY A 56 11.80 -20.77 -12.11
CA GLY A 56 13.17 -21.06 -12.56
C GLY A 56 13.97 -19.86 -13.06
N PRO A 57 15.28 -20.08 -13.34
CA PRO A 57 16.16 -19.02 -13.82
C PRO A 57 15.64 -18.24 -15.01
N GLU A 58 14.91 -18.89 -15.92
CA GLU A 58 14.33 -18.19 -17.09
C GLU A 58 13.32 -17.13 -16.65
N TYR A 59 12.49 -17.45 -15.66
CA TYR A 59 11.56 -16.49 -15.07
C TYR A 59 12.32 -15.25 -14.59
N TRP A 60 13.35 -15.46 -13.77
CA TRP A 60 14.11 -14.34 -13.20
C TRP A 60 14.83 -13.49 -14.24
N ASP A 61 15.41 -14.13 -15.25
CA ASP A 61 16.02 -13.43 -16.38
C ASP A 61 14.99 -12.61 -17.15
N GLY A 62 13.84 -13.22 -17.46
CA GLY A 62 12.78 -12.57 -18.24
C GLY A 62 12.05 -11.44 -17.52
N GLU A 63 11.79 -11.64 -16.22
CA GLU A 63 11.23 -10.58 -15.39
C GLU A 63 12.19 -9.41 -15.17
N THR A 64 13.46 -9.72 -14.96
CA THR A 64 14.52 -8.71 -14.91
C THR A 64 14.63 -7.88 -16.19
N ARG A 65 14.67 -8.54 -17.34
CA ARG A 65 14.73 -7.84 -18.62
C ARG A 65 13.54 -6.87 -18.76
N LYS A 66 12.33 -7.40 -18.59
CA LYS A 66 11.10 -6.58 -18.67
C LYS A 66 11.09 -5.39 -17.69
N VAL A 67 11.51 -5.62 -16.45
CA VAL A 67 11.43 -4.56 -15.44
C VAL A 67 12.42 -3.40 -15.73
N LYS A 68 13.55 -3.76 -16.33
CA LYS A 68 14.51 -2.76 -16.79
C LYS A 68 13.96 -2.00 -18.00
N ALA A 69 13.18 -2.67 -18.86
CA ALA A 69 12.48 -2.02 -19.98
C ALA A 69 11.41 -1.04 -19.50
N HIS A 70 10.69 -1.43 -18.45
CA HIS A 70 9.76 -0.57 -17.73
C HIS A 70 10.51 0.67 -17.24
N SER A 71 11.67 0.45 -16.59
CA SER A 71 12.53 1.54 -16.08
C SER A 71 12.95 2.53 -17.14
N GLN A 72 13.35 2.02 -18.32
CA GLN A 72 13.81 2.92 -19.38
C GLN A 72 12.69 3.74 -20.03
N THR A 73 11.50 3.13 -20.21
CA THR A 73 10.32 3.88 -20.65
C THR A 73 10.02 5.02 -19.68
N HIS A 74 9.99 4.73 -18.38
CA HIS A 74 9.80 5.77 -17.36
C HIS A 74 10.87 6.89 -17.45
N ARG A 75 12.12 6.50 -17.63
CA ARG A 75 13.20 7.50 -17.79
C ARG A 75 12.90 8.41 -19.01
N VAL A 76 12.59 7.81 -20.15
CA VAL A 76 12.20 8.59 -21.36
C VAL A 76 10.98 9.48 -21.07
N ASP A 77 9.96 8.89 -20.44
CA ASP A 77 8.74 9.63 -20.08
C ASP A 77 8.98 10.89 -19.25
N LEU A 78 9.85 10.81 -18.25
CA LEU A 78 10.17 12.00 -17.44
C LEU A 78 10.68 13.20 -18.25
N GLY A 79 11.54 12.95 -19.24
CA GLY A 79 12.02 13.99 -20.14
C GLY A 79 10.95 14.47 -21.11
N THR A 80 10.18 13.54 -21.65
CA THR A 80 9.07 13.90 -22.55
C THR A 80 8.03 14.77 -21.87
N LEU A 81 7.67 14.39 -20.64
CA LEU A 81 6.66 15.11 -19.87
C LEU A 81 7.11 16.46 -19.38
N ARG A 82 8.39 16.58 -19.03
CA ARG A 82 9.00 17.85 -18.70
C ARG A 82 8.84 18.81 -19.90
N GLY A 83 9.10 18.29 -21.10
CA GLY A 83 8.85 18.99 -22.35
C GLY A 83 7.40 19.38 -22.59
N TYR A 84 6.46 18.45 -22.40
CA TYR A 84 5.03 18.74 -22.60
C TYR A 84 4.55 19.88 -21.72
N TYR A 85 5.00 19.88 -20.46
CA TYR A 85 4.57 20.86 -19.47
C TYR A 85 5.51 22.06 -19.31
N ASN A 86 6.39 22.27 -20.29
CA ASN A 86 7.36 23.38 -20.26
C ASN A 86 8.00 23.59 -18.89
N GLN A 87 8.55 22.52 -18.31
CA GLN A 87 9.19 22.61 -17.01
C GLN A 87 10.73 22.66 -17.16
N SER A 88 11.41 23.14 -16.11
CA SER A 88 12.87 23.22 -16.11
C SER A 88 13.53 21.93 -15.68
N GLU A 89 14.87 21.88 -15.78
CA GLU A 89 15.66 20.69 -15.41
C GLU A 89 15.94 20.64 -13.92
N ALA A 90 15.65 21.72 -13.22
CA ALA A 90 16.06 21.86 -11.82
C ALA A 90 15.26 21.02 -10.84
N GLY A 91 13.95 20.90 -11.09
CA GLY A 91 13.06 20.25 -10.15
C GLY A 91 12.97 18.74 -10.33
N SER A 92 12.60 18.08 -9.23
CA SER A 92 12.41 16.63 -9.23
C SER A 92 10.95 16.36 -9.60
N HIS A 93 10.72 15.30 -10.38
CA HIS A 93 9.35 14.93 -10.80
C HIS A 93 9.13 13.43 -10.70
N THR A 94 7.85 13.03 -10.73
CA THR A 94 7.45 11.67 -10.48
C THR A 94 6.54 11.16 -11.59
N VAL A 95 6.75 9.91 -11.99
CA VAL A 95 5.76 9.15 -12.74
C VAL A 95 5.43 7.90 -11.95
N GLN A 96 4.15 7.55 -11.91
CA GLN A 96 3.63 6.35 -11.25
C GLN A 96 2.75 5.62 -12.25
N ARG A 97 2.86 4.29 -12.25
CA ARG A 97 2.12 3.38 -13.13
C ARG A 97 1.58 2.24 -12.29
N MET A 98 0.30 1.90 -12.50
CA MET A 98 -0.26 0.71 -11.90
C MET A 98 -0.99 -0.05 -13.01
N TYR A 99 -0.74 -1.35 -13.10
CA TYR A 99 -1.60 -2.23 -13.91
C TYR A 99 -1.85 -3.61 -13.29
N GLY A 100 -2.79 -4.35 -13.87
CA GLY A 100 -3.13 -5.68 -13.38
C GLY A 100 -4.52 -6.14 -13.81
N CYS A 101 -4.91 -7.31 -13.32
CA CYS A 101 -6.18 -7.94 -13.64
C CYS A 101 -6.87 -8.44 -12.36
N ASP A 102 -8.21 -8.40 -12.37
CA ASP A 102 -9.05 -9.06 -11.35
C ASP A 102 -9.68 -10.34 -11.93
N VAL A 103 -9.75 -11.40 -11.14
CA VAL A 103 -10.55 -12.58 -11.50
C VAL A 103 -11.60 -12.80 -10.42
N GLY A 104 -12.73 -13.42 -10.77
CA GLY A 104 -13.78 -13.69 -9.80
C GLY A 104 -13.53 -14.97 -9.04
N SER A 105 -14.53 -15.44 -8.30
CA SER A 105 -14.44 -16.69 -7.54
C SER A 105 -14.21 -17.92 -8.43
N ASP A 106 -14.59 -17.82 -9.70
CA ASP A 106 -14.30 -18.87 -10.68
C ASP A 106 -12.92 -18.78 -11.32
N TRP A 107 -12.14 -17.78 -10.90
CA TRP A 107 -10.80 -17.48 -11.45
C TRP A 107 -10.79 -17.11 -12.94
N ARG A 108 -11.91 -16.63 -13.47
CA ARG A 108 -11.95 -16.11 -14.84
C ARG A 108 -11.85 -14.59 -14.83
N PHE A 109 -11.29 -14.04 -15.91
CA PHE A 109 -11.18 -12.59 -16.11
C PHE A 109 -12.45 -11.85 -15.70
N LEU A 110 -12.25 -10.82 -14.88
CA LEU A 110 -13.30 -9.92 -14.49
C LEU A 110 -13.05 -8.50 -14.99
N ARG A 111 -11.82 -8.03 -14.76
CA ARG A 111 -11.47 -6.62 -14.94
C ARG A 111 -9.99 -6.50 -15.21
N GLY A 112 -9.61 -5.59 -16.12
CA GLY A 112 -8.20 -5.24 -16.33
C GLY A 112 -8.06 -3.73 -16.22
N TYR A 113 -6.86 -3.27 -15.88
CA TYR A 113 -6.61 -1.83 -15.72
C TYR A 113 -5.14 -1.47 -16.00
N HIS A 114 -4.94 -0.23 -16.43
CA HIS A 114 -3.62 0.28 -16.71
C HIS A 114 -3.71 1.79 -16.60
N GLN A 115 -3.18 2.33 -15.52
CA GLN A 115 -3.23 3.78 -15.32
C GLN A 115 -1.86 4.37 -14.99
N TYR A 116 -1.75 5.67 -15.23
CA TYR A 116 -0.48 6.37 -15.24
C TYR A 116 -0.67 7.81 -14.75
N ALA A 117 0.28 8.28 -13.95
CA ALA A 117 0.21 9.59 -13.31
C ALA A 117 1.54 10.28 -13.36
N TYR A 118 1.48 11.60 -13.47
CA TYR A 118 2.65 12.47 -13.48
C TYR A 118 2.47 13.48 -12.38
N ASP A 119 3.50 13.63 -11.54
CA ASP A 119 3.48 14.48 -10.33
C ASP A 119 2.23 14.32 -9.46
N GLY A 120 1.74 13.08 -9.39
CA GLY A 120 0.62 12.69 -8.51
C GLY A 120 -0.78 12.97 -9.01
N LYS A 121 -0.89 13.37 -10.27
CA LYS A 121 -2.17 13.64 -10.94
C LYS A 121 -2.44 12.67 -12.11
N ASP A 122 -3.67 12.21 -12.26
CA ASP A 122 -4.10 11.48 -13.46
C ASP A 122 -3.47 12.06 -14.72
N TYR A 123 -2.79 11.20 -15.49
CA TYR A 123 -2.29 11.58 -16.80
C TYR A 123 -3.15 10.88 -17.87
N ILE A 124 -2.99 9.56 -17.98
CA ILE A 124 -3.77 8.73 -18.91
C ILE A 124 -4.07 7.36 -18.30
N ALA A 125 -5.25 6.81 -18.61
CA ALA A 125 -5.66 5.50 -18.10
C ALA A 125 -6.42 4.74 -19.17
N LEU A 126 -6.25 3.43 -19.18
CA LEU A 126 -7.03 2.57 -20.07
C LEU A 126 -8.45 2.53 -19.52
N LYS A 127 -9.45 2.63 -20.41
CA LYS A 127 -10.86 2.48 -20.00
C LYS A 127 -11.21 1.03 -19.68
N GLU A 128 -12.36 0.82 -19.06
CA GLU A 128 -12.85 -0.50 -18.63
C GLU A 128 -12.96 -1.53 -19.74
N ASP A 129 -13.36 -1.07 -20.93
CA ASP A 129 -13.47 -1.96 -22.08
C ASP A 129 -12.10 -2.40 -22.61
N LEU A 130 -11.04 -1.72 -22.16
CA LEU A 130 -9.66 -1.95 -22.64
C LEU A 130 -9.49 -1.70 -24.14
N ARG A 131 -10.32 -0.82 -24.68
CA ARG A 131 -10.25 -0.48 -26.09
C ARG A 131 -9.96 1.00 -26.34
N SER A 132 -10.03 1.80 -25.28
CA SER A 132 -9.86 3.24 -25.39
C SER A 132 -9.18 3.87 -24.14
N TRP A 133 -8.95 5.18 -24.20
CA TRP A 133 -8.15 5.91 -23.20
C TRP A 133 -8.85 7.15 -22.62
N THR A 134 -8.55 7.43 -21.36
CA THR A 134 -8.99 8.63 -20.67
C THR A 134 -7.78 9.51 -20.50
N ALA A 135 -7.76 10.63 -21.23
CA ALA A 135 -6.68 11.60 -21.17
C ALA A 135 -7.18 12.83 -20.43
N ALA A 136 -6.48 13.17 -19.35
CA ALA A 136 -6.91 14.24 -18.45
C ALA A 136 -6.78 15.63 -19.04
N ASP A 137 -5.75 15.81 -19.87
CA ASP A 137 -5.42 17.13 -20.41
C ASP A 137 -4.85 16.97 -21.82
N MET A 138 -4.45 18.10 -22.42
CA MET A 138 -3.99 18.13 -23.83
C MET A 138 -2.66 17.42 -24.08
N ALA A 139 -1.78 17.44 -23.09
CA ALA A 139 -0.56 16.63 -23.10
C ALA A 139 -0.94 15.15 -23.21
N ALA A 140 -1.77 14.67 -22.29
CA ALA A 140 -2.28 13.29 -22.32
C ALA A 140 -2.99 12.95 -23.64
N GLN A 141 -3.68 13.93 -24.22
CA GLN A 141 -4.38 13.74 -25.49
CA GLN A 141 -4.38 13.76 -25.49
C GLN A 141 -3.39 13.48 -26.62
N THR A 142 -2.26 14.17 -26.59
CA THR A 142 -1.16 13.89 -27.54
C THR A 142 -0.67 12.44 -27.38
N THR A 143 -0.50 11.99 -26.13
CA THR A 143 -0.12 10.59 -25.89
C THR A 143 -1.21 9.61 -26.42
N LYS A 144 -2.48 9.90 -26.16
CA LYS A 144 -3.59 9.07 -26.61
C LYS A 144 -3.51 8.86 -28.14
N HIS A 145 -3.33 9.94 -28.89
CA HIS A 145 -3.25 9.83 -30.37
C HIS A 145 -2.06 8.96 -30.80
N LYS A 146 -0.92 9.15 -30.12
CA LYS A 146 0.30 8.36 -30.34
C LYS A 146 0.00 6.85 -30.15
N TRP A 147 -0.66 6.54 -29.05
CA TRP A 147 -0.94 5.17 -28.62
C TRP A 147 -2.05 4.51 -29.46
N GLU A 148 -2.95 5.33 -30.01
CA GLU A 148 -4.00 4.84 -30.91
C GLU A 148 -3.41 4.44 -32.26
N ALA A 149 -2.50 5.27 -32.79
CA ALA A 149 -1.84 4.96 -34.05
C ALA A 149 -0.97 3.72 -33.91
N ALA A 150 -0.39 3.54 -32.72
CA ALA A 150 0.51 2.41 -32.44
C ALA A 150 -0.24 1.16 -31.95
N HIS A 151 -1.56 1.28 -31.80
CA HIS A 151 -2.41 0.18 -31.31
C HIS A 151 -1.97 -0.40 -29.96
N VAL A 152 -1.56 0.49 -29.07
CA VAL A 152 -1.10 0.13 -27.73
C VAL A 152 -2.17 -0.61 -26.92
N ALA A 153 -3.41 -0.11 -26.98
CA ALA A 153 -4.53 -0.69 -26.22
C ALA A 153 -4.75 -2.16 -26.55
N GLU A 154 -4.57 -2.50 -27.83
CA GLU A 154 -4.75 -3.86 -28.30
CA GLU A 154 -4.69 -3.86 -28.35
C GLU A 154 -3.72 -4.81 -27.69
N GLN A 155 -2.47 -4.34 -27.54
CA GLN A 155 -1.39 -5.15 -26.98
C GLN A 155 -1.60 -5.38 -25.48
N LEU A 156 -2.08 -4.32 -24.81
CA LEU A 156 -2.42 -4.37 -23.38
C LEU A 156 -3.62 -5.25 -23.07
N ARG A 157 -4.69 -5.11 -23.85
CA ARG A 157 -5.88 -5.96 -23.70
C ARG A 157 -5.50 -7.45 -23.79
N ALA A 158 -4.66 -7.83 -24.75
CA ALA A 158 -4.22 -9.23 -24.85
C ALA A 158 -3.48 -9.73 -23.60
N TYR A 159 -2.59 -8.89 -23.07
CA TYR A 159 -1.87 -9.22 -21.84
C TYR A 159 -2.85 -9.36 -20.64
N LEU A 160 -3.72 -8.37 -20.48
CA LEU A 160 -4.58 -8.26 -19.30
C LEU A 160 -5.63 -9.37 -19.19
N GLU A 161 -6.05 -9.88 -20.36
CA GLU A 161 -7.08 -10.93 -20.46
C GLU A 161 -6.44 -12.30 -20.63
N GLY A 162 -5.16 -12.31 -20.99
CA GLY A 162 -4.44 -13.52 -21.30
C GLY A 162 -3.40 -13.84 -20.26
N THR A 163 -2.16 -13.43 -20.52
CA THR A 163 -1.02 -13.70 -19.63
C THR A 163 -1.29 -13.35 -18.16
N CYS A 164 -1.84 -12.16 -17.92
CA CYS A 164 -2.07 -11.67 -16.56
C CYS A 164 -2.89 -12.68 -15.75
N VAL A 165 -4.05 -13.05 -16.32
CA VAL A 165 -4.99 -14.02 -15.75
C VAL A 165 -4.36 -15.42 -15.60
N GLU A 166 -3.68 -15.87 -16.65
CA GLU A 166 -3.02 -17.17 -16.63
CA GLU A 166 -2.99 -17.17 -16.64
C GLU A 166 -2.01 -17.27 -15.49
N TRP A 167 -1.16 -16.24 -15.35
CA TRP A 167 -0.12 -16.27 -14.33
C TRP A 167 -0.62 -16.01 -12.91
N LEU A 168 -1.68 -15.22 -12.77
CA LEU A 168 -2.39 -15.12 -11.48
C LEU A 168 -2.87 -16.51 -11.01
N ARG A 169 -3.54 -17.24 -11.91
CA ARG A 169 -4.05 -18.57 -11.58
C ARG A 169 -2.87 -19.45 -11.17
N ARG A 170 -1.77 -19.35 -11.91
CA ARG A 170 -0.58 -20.13 -11.60
C ARG A 170 -0.05 -19.77 -10.22
N TYR A 171 0.10 -18.47 -9.93
CA TYR A 171 0.57 -18.06 -8.60
C TYR A 171 -0.37 -18.50 -7.49
N LEU A 172 -1.69 -18.38 -7.73
CA LEU A 172 -2.68 -18.81 -6.73
C LEU A 172 -2.53 -20.28 -6.37
N GLU A 173 -2.21 -21.10 -7.37
CA GLU A 173 -2.03 -22.53 -7.16
C GLU A 173 -0.71 -22.81 -6.44
N ASN A 174 0.38 -22.21 -6.90
CA ASN A 174 1.67 -22.44 -6.26
C ASN A 174 1.73 -21.90 -4.83
N GLY A 175 0.99 -20.82 -4.57
CA GLY A 175 0.94 -20.22 -3.24
C GLY A 175 -0.30 -20.57 -2.43
N LYS A 176 -0.99 -21.64 -2.86
CA LYS A 176 -2.27 -22.04 -2.27
CA LYS A 176 -2.26 -22.06 -2.26
C LYS A 176 -2.29 -22.00 -0.74
N GLU A 177 -1.25 -22.52 -0.10
CA GLU A 177 -1.21 -22.65 1.36
C GLU A 177 -1.36 -21.32 2.11
N THR A 178 -0.95 -20.22 1.50
CA THR A 178 -1.16 -18.90 2.09
C THR A 178 -2.14 -18.02 1.32
N LEU A 179 -2.00 -17.97 0.00
CA LEU A 179 -2.79 -17.09 -0.83
C LEU A 179 -4.28 -17.43 -0.81
N GLN A 180 -4.58 -18.73 -0.65
CA GLN A 180 -5.98 -19.19 -0.62
C GLN A 180 -6.48 -19.42 0.79
N ARG A 181 -5.65 -19.09 1.78
CA ARG A 181 -6.04 -19.12 3.18
C ARG A 181 -6.58 -17.75 3.62
N THR A 182 -7.67 -17.76 4.39
CA THR A 182 -8.15 -16.55 5.06
C THR A 182 -7.74 -16.62 6.50
N ASP A 183 -7.33 -15.48 7.04
CA ASP A 183 -7.04 -15.39 8.47
C ASP A 183 -8.08 -14.47 9.09
N ALA A 184 -8.93 -15.02 9.96
CA ALA A 184 -10.01 -14.24 10.60
C ALA A 184 -9.42 -13.29 11.62
N PRO A 185 -10.00 -12.07 11.76
CA PRO A 185 -9.42 -11.13 12.71
C PRO A 185 -9.56 -11.61 14.15
N LYS A 186 -8.51 -11.38 14.93
CA LYS A 186 -8.56 -11.60 16.36
C LYS A 186 -9.05 -10.30 16.99
N THR A 187 -10.20 -10.36 17.64
CA THR A 187 -10.85 -9.15 18.15
C THR A 187 -10.83 -9.05 19.68
N HIS A 188 -10.69 -7.82 20.17
CA HIS A 188 -10.96 -7.49 21.58
C HIS A 188 -11.36 -6.02 21.70
N MET A 189 -11.78 -5.62 22.91
CA MET A 189 -12.21 -4.28 23.21
C MET A 189 -11.43 -3.70 24.39
N THR A 190 -10.98 -2.46 24.25
CA THR A 190 -10.37 -1.74 25.38
C THR A 190 -11.24 -0.56 25.85
N HIS A 191 -11.01 -0.14 27.09
CA HIS A 191 -11.79 0.90 27.76
C HIS A 191 -10.84 1.89 28.40
N HIS A 192 -11.06 3.18 28.16
CA HIS A 192 -10.32 4.25 28.84
C HIS A 192 -11.30 5.34 29.27
N ALA A 193 -10.91 6.12 30.27
CA ALA A 193 -11.73 7.21 30.78
C ALA A 193 -11.00 8.54 30.65
N VAL A 194 -11.68 9.57 30.15
CA VAL A 194 -11.06 10.90 30.03
C VAL A 194 -11.32 11.78 31.27
N SER A 195 -12.54 11.69 31.78
CA SER A 195 -12.96 12.35 32.99
C SER A 195 -13.91 11.36 33.68
N ASP A 196 -14.68 11.81 34.67
CA ASP A 196 -15.64 10.90 35.29
C ASP A 196 -17.02 10.90 34.60
N HIS A 197 -17.14 11.63 33.51
CA HIS A 197 -18.38 11.61 32.73
C HIS A 197 -18.26 10.74 31.48
N GLU A 198 -17.06 10.67 30.93
CA GLU A 198 -16.83 10.28 29.53
C GLU A 198 -15.88 9.07 29.44
N ALA A 199 -16.23 8.11 28.57
CA ALA A 199 -15.41 6.91 28.34
C ALA A 199 -15.08 6.72 26.86
N THR A 200 -13.93 6.11 26.57
CA THR A 200 -13.58 5.71 25.21
C THR A 200 -13.61 4.19 25.15
N LEU A 201 -14.37 3.65 24.20
CA LEU A 201 -14.34 2.21 23.91
C LEU A 201 -13.63 1.99 22.58
N ARG A 202 -12.66 1.06 22.55
CA ARG A 202 -11.91 0.79 21.33
C ARG A 202 -12.07 -0.68 20.93
N CYS A 203 -12.52 -0.90 19.69
CA CYS A 203 -12.73 -2.24 19.18
C CYS A 203 -11.58 -2.59 18.21
N TRP A 204 -10.83 -3.64 18.53
CA TRP A 204 -9.63 -4.00 17.76
C TRP A 204 -9.85 -5.23 16.92
N ALA A 205 -9.29 -5.22 15.70
CA ALA A 205 -9.19 -6.40 14.86
C ALA A 205 -7.70 -6.52 14.53
N LEU A 206 -7.16 -7.69 14.80
CA LEU A 206 -5.75 -7.94 14.58
C LEU A 206 -5.55 -9.21 13.78
N SER A 207 -4.43 -9.26 13.07
CA SER A 207 -3.91 -10.52 12.58
C SER A 207 -4.78 -11.10 11.45
N PHE A 208 -5.38 -10.23 10.63
CA PHE A 208 -6.31 -10.70 9.61
C PHE A 208 -5.76 -10.60 8.19
N TYR A 209 -6.26 -11.46 7.31
CA TYR A 209 -5.93 -11.43 5.89
C TYR A 209 -7.09 -12.06 5.12
N PRO A 210 -7.51 -11.45 3.98
CA PRO A 210 -6.97 -10.23 3.33
C PRO A 210 -7.25 -8.91 4.07
N ALA A 211 -6.78 -7.79 3.52
CA ALA A 211 -6.89 -6.48 4.18
C ALA A 211 -8.34 -5.99 4.37
N GLU A 212 -9.22 -6.38 3.45
CA GLU A 212 -10.60 -5.90 3.46
CA GLU A 212 -10.61 -5.92 3.45
C GLU A 212 -11.30 -6.31 4.75
N ILE A 213 -11.96 -5.33 5.39
CA ILE A 213 -12.66 -5.54 6.66
C ILE A 213 -13.64 -4.39 6.92
N THR A 214 -14.75 -4.70 7.59
CA THR A 214 -15.66 -3.69 8.11
C THR A 214 -15.78 -3.77 9.63
N LEU A 215 -15.49 -2.65 10.30
CA LEU A 215 -15.74 -2.51 11.73
C LEU A 215 -16.70 -1.34 11.92
N THR A 216 -17.78 -1.58 12.65
CA THR A 216 -18.73 -0.50 12.96
C THR A 216 -19.21 -0.62 14.41
N TRP A 217 -19.72 0.48 14.94
CA TRP A 217 -20.37 0.50 16.25
C TRP A 217 -21.89 0.64 16.10
N GLN A 218 -22.62 -0.01 16.99
CA GLN A 218 -24.04 0.25 17.12
C GLN A 218 -24.32 0.72 18.53
N ARG A 219 -25.37 1.53 18.65
CA ARG A 219 -25.90 1.94 19.95
C ARG A 219 -27.36 1.47 20.03
N ASP A 220 -27.66 0.64 21.02
CA ASP A 220 -28.99 0.06 21.20
C ASP A 220 -29.52 -0.57 19.90
N GLY A 221 -28.63 -1.24 19.16
CA GLY A 221 -29.01 -1.98 17.96
C GLY A 221 -29.07 -1.16 16.69
N GLU A 222 -28.70 0.12 16.78
CA GLU A 222 -28.68 0.99 15.60
C GLU A 222 -27.28 1.58 15.37
N ASP A 223 -26.89 1.69 14.11
CA ASP A 223 -25.56 2.19 13.72
C ASP A 223 -25.22 3.56 14.31
N GLN A 224 -24.02 3.65 14.86
CA GLN A 224 -23.52 4.87 15.48
C GLN A 224 -22.27 5.33 14.72
N THR A 225 -22.34 6.53 14.14
CA THR A 225 -21.19 7.11 13.45
C THR A 225 -20.61 8.32 14.19
N GLN A 226 -21.48 9.11 14.81
CA GLN A 226 -21.02 10.25 15.61
C GLN A 226 -20.18 9.83 16.81
N ASP A 227 -19.20 10.65 17.14
CA ASP A 227 -18.26 10.41 18.25
C ASP A 227 -17.48 9.10 18.10
N THR A 228 -17.26 8.68 16.85
CA THR A 228 -16.46 7.49 16.55
C THR A 228 -15.22 7.91 15.80
N GLU A 229 -14.17 7.07 15.87
CA GLU A 229 -12.92 7.30 15.16
C GLU A 229 -12.44 5.96 14.63
N LEU A 230 -12.29 5.87 13.31
CA LEU A 230 -11.90 4.63 12.63
C LEU A 230 -10.55 4.85 11.94
N VAL A 231 -9.51 4.11 12.36
CA VAL A 231 -8.18 4.23 11.72
C VAL A 231 -8.07 3.52 10.40
N GLU A 232 -7.14 3.99 9.57
CA GLU A 232 -6.77 3.33 8.33
C GLU A 232 -6.25 1.92 8.64
N THR A 233 -6.66 0.93 7.85
CA THR A 233 -6.15 -0.44 7.95
C THR A 233 -4.64 -0.38 7.73
N ARG A 234 -3.90 -1.13 8.54
CA ARG A 234 -2.46 -0.99 8.60
C ARG A 234 -1.78 -2.37 8.61
N PRO A 235 -0.61 -2.49 7.95
CA PRO A 235 0.12 -3.77 7.92
C PRO A 235 0.74 -4.06 9.28
N ALA A 236 0.58 -5.28 9.77
CA ALA A 236 1.28 -5.70 11.00
C ALA A 236 2.78 -5.86 10.75
N GLY A 237 3.16 -6.17 9.50
CA GLY A 237 4.55 -6.42 9.17
C GLY A 237 4.86 -7.90 8.92
N ASP A 238 3.95 -8.78 9.33
CA ASP A 238 4.13 -10.22 9.09
C ASP A 238 3.20 -10.76 8.00
N GLY A 239 2.68 -9.85 7.16
CA GLY A 239 1.75 -10.24 6.10
C GLY A 239 0.27 -10.03 6.44
N THR A 240 -0.04 -9.83 7.72
CA THR A 240 -1.42 -9.60 8.18
C THR A 240 -1.74 -8.12 8.44
N PHE A 241 -3.00 -7.83 8.75
CA PHE A 241 -3.43 -6.45 8.89
C PHE A 241 -4.13 -6.20 10.22
N GLN A 242 -4.20 -4.92 10.59
CA GLN A 242 -4.78 -4.48 11.85
C GLN A 242 -5.71 -3.31 11.57
N LYS A 243 -6.72 -3.12 12.42
CA LYS A 243 -7.58 -1.96 12.35
C LYS A 243 -8.26 -1.84 13.70
N TRP A 244 -8.68 -0.62 14.03
CA TRP A 244 -9.57 -0.43 15.16
C TRP A 244 -10.58 0.69 14.90
N VAL A 245 -11.60 0.72 15.74
CA VAL A 245 -12.62 1.79 15.73
C VAL A 245 -12.97 2.08 17.18
N ALA A 246 -13.02 3.37 17.52
CA ALA A 246 -13.32 3.80 18.87
C ALA A 246 -14.63 4.57 18.90
N VAL A 247 -15.30 4.55 20.03
CA VAL A 247 -16.48 5.40 20.27
C VAL A 247 -16.36 6.06 21.64
N VAL A 248 -16.77 7.33 21.72
CA VAL A 248 -16.87 8.03 22.99
C VAL A 248 -18.30 7.90 23.52
N VAL A 249 -18.43 7.51 24.78
CA VAL A 249 -19.70 7.23 25.41
C VAL A 249 -19.75 7.77 26.86
N PRO A 250 -20.96 8.03 27.40
CA PRO A 250 -21.08 8.46 28.80
C PRO A 250 -20.78 7.29 29.73
N SER A 251 -19.95 7.52 30.76
CA SER A 251 -19.60 6.49 31.72
C SER A 251 -20.84 5.84 32.29
N GLY A 252 -20.85 4.51 32.33
CA GLY A 252 -21.99 3.77 32.86
C GLY A 252 -22.93 3.26 31.78
N GLN A 253 -22.82 3.83 30.58
CA GLN A 253 -23.66 3.44 29.46
C GLN A 253 -22.98 2.49 28.46
N GLU A 254 -21.79 2.01 28.81
CA GLU A 254 -20.97 1.15 27.94
C GLU A 254 -21.76 0.02 27.29
N GLN A 255 -22.70 -0.54 28.06
CA GLN A 255 -23.47 -1.72 27.62
C GLN A 255 -24.38 -1.50 26.41
N ARG A 256 -24.72 -0.25 26.11
CA ARG A 256 -25.58 0.06 24.96
C ARG A 256 -24.88 -0.17 23.63
N TYR A 257 -23.55 -0.21 23.67
CA TYR A 257 -22.71 -0.16 22.49
C TYR A 257 -22.14 -1.53 22.15
N THR A 258 -22.28 -1.90 20.88
CA THR A 258 -21.75 -3.15 20.38
C THR A 258 -20.89 -2.86 19.17
N CYS A 259 -19.77 -3.60 19.08
CA CYS A 259 -18.89 -3.54 17.91
C CYS A 259 -19.21 -4.70 16.98
N HIS A 260 -19.29 -4.42 15.68
CA HIS A 260 -19.57 -5.46 14.69
C HIS A 260 -18.47 -5.55 13.64
N VAL A 261 -18.01 -6.77 13.41
CA VAL A 261 -16.87 -7.04 12.57
C VAL A 261 -17.29 -7.94 11.43
N GLN A 262 -17.11 -7.46 10.21
CA GLN A 262 -17.30 -8.26 8.98
C GLN A 262 -15.95 -8.52 8.31
N HIS A 263 -15.65 -9.79 8.02
CA HIS A 263 -14.42 -10.19 7.30
C HIS A 263 -14.65 -11.50 6.54
N GLU A 264 -14.03 -11.69 5.39
CA GLU A 264 -14.24 -12.95 4.65
C GLU A 264 -13.82 -14.25 5.39
N GLY A 265 -12.98 -14.11 6.42
CA GLY A 265 -12.58 -15.23 7.25
C GLY A 265 -13.57 -15.61 8.35
N LEU A 266 -14.67 -14.86 8.42
CA LEU A 266 -15.73 -15.12 9.40
C LEU A 266 -16.98 -15.48 8.63
N PRO A 267 -17.55 -16.67 8.89
CA PRO A 267 -18.77 -17.12 8.19
C PRO A 267 -19.97 -16.19 8.41
N LYS A 268 -20.16 -15.71 9.64
CA LYS A 268 -21.11 -14.63 9.94
C LYS A 268 -20.37 -13.51 10.68
N PRO A 269 -20.88 -12.26 10.56
CA PRO A 269 -20.32 -11.16 11.37
C PRO A 269 -20.35 -11.47 12.87
N LEU A 270 -19.33 -10.98 13.57
CA LEU A 270 -19.13 -11.22 14.98
C LEU A 270 -19.52 -9.96 15.76
N THR A 271 -19.99 -10.15 16.99
CA THR A 271 -20.37 -9.02 17.85
C THR A 271 -19.55 -8.99 19.16
N LEU A 272 -19.04 -7.82 19.52
CA LEU A 272 -18.34 -7.63 20.79
C LEU A 272 -19.04 -6.59 21.69
N ARG A 273 -18.90 -6.78 22.99
CA ARG A 273 -19.49 -5.90 24.01
C ARG A 273 -18.49 -5.68 25.16
N TRP A 274 -18.59 -4.55 25.86
CA TRP A 274 -17.76 -4.31 27.02
C TRP A 274 -18.36 -4.95 28.26
N MET B 1 3.10 22.03 -7.94
CA MET B 1 2.95 20.57 -7.68
C MET B 1 1.85 20.24 -6.67
N ILE B 2 1.40 18.99 -6.65
CA ILE B 2 0.54 18.53 -5.57
C ILE B 2 1.40 18.14 -4.37
N GLN B 3 0.89 18.46 -3.18
CA GLN B 3 1.55 18.09 -1.96
C GLN B 3 0.53 17.58 -0.97
N ARG B 4 0.80 16.40 -0.43
CA ARG B 4 -0.09 15.76 0.52
C ARG B 4 0.75 15.40 1.73
N THR B 5 0.21 15.69 2.91
CA THR B 5 0.95 15.48 4.17
CA THR B 5 0.94 15.49 4.16
C THR B 5 0.75 14.05 4.68
N PRO B 6 1.80 13.43 5.21
CA PRO B 6 1.60 12.04 5.66
C PRO B 6 0.72 11.91 6.91
N LYS B 7 -0.12 10.87 6.92
CA LYS B 7 -0.71 10.37 8.17
C LYS B 7 0.31 9.41 8.78
N ILE B 8 0.28 9.26 10.10
CA ILE B 8 1.24 8.46 10.84
C ILE B 8 0.52 7.60 11.88
N GLN B 9 0.81 6.30 11.91
CA GLN B 9 0.44 5.43 13.03
C GLN B 9 1.73 4.74 13.50
N VAL B 10 1.91 4.69 14.83
CA VAL B 10 3.03 4.01 15.49
C VAL B 10 2.42 2.94 16.38
N TYR B 11 2.97 1.74 16.31
CA TYR B 11 2.31 0.59 16.91
C TYR B 11 3.24 -0.62 16.87
N SER B 12 2.95 -1.64 17.66
CA SER B 12 3.72 -2.88 17.61
C SER B 12 3.03 -3.96 16.76
N ARG B 13 3.84 -4.92 16.28
CA ARG B 13 3.37 -6.00 15.41
C ARG B 13 2.48 -6.96 16.16
N HIS B 14 2.89 -7.31 17.38
CA HIS B 14 2.11 -8.18 18.24
C HIS B 14 1.70 -7.40 19.48
N PRO B 15 0.69 -7.88 20.21
CA PRO B 15 0.28 -7.25 21.49
C PRO B 15 1.50 -7.15 22.41
N ALA B 16 1.64 -6.01 23.06
CA ALA B 16 2.91 -5.66 23.68
C ALA B 16 3.04 -6.14 25.12
N GLU B 17 4.12 -6.86 25.38
CA GLU B 17 4.40 -7.37 26.72
C GLU B 17 5.86 -7.16 27.11
N ASN B 18 6.09 -6.71 28.34
CA ASN B 18 7.45 -6.44 28.80
C ASN B 18 8.29 -7.73 28.83
N GLY B 19 9.53 -7.63 28.37
CA GLY B 19 10.42 -8.80 28.31
C GLY B 19 10.23 -9.67 27.09
N LYS B 20 9.25 -9.33 26.24
CA LYS B 20 8.88 -10.19 25.12
C LYS B 20 9.08 -9.51 23.78
N SER B 21 10.01 -10.05 23.00
CA SER B 21 10.49 -9.38 21.81
C SER B 21 9.41 -9.24 20.74
N ASN B 22 9.49 -8.16 19.97
CA ASN B 22 8.36 -7.68 19.18
C ASN B 22 8.91 -6.78 18.08
N PHE B 23 8.01 -6.14 17.32
CA PHE B 23 8.44 -5.19 16.30
C PHE B 23 7.72 -3.86 16.49
N LEU B 24 8.50 -2.78 16.55
CA LEU B 24 7.95 -1.44 16.56
C LEU B 24 7.76 -0.92 15.13
N ASN B 25 6.54 -0.47 14.82
CA ASN B 25 6.17 -0.06 13.47
C ASN B 25 5.85 1.42 13.42
N CYS B 26 6.23 2.07 12.31
CA CYS B 26 5.69 3.38 11.99
C CYS B 26 5.20 3.39 10.54
N TYR B 27 3.88 3.45 10.38
CA TYR B 27 3.27 3.41 9.07
C TYR B 27 2.96 4.83 8.64
N VAL B 28 3.50 5.22 7.50
CA VAL B 28 3.30 6.57 6.96
C VAL B 28 2.59 6.42 5.63
N SER B 29 1.50 7.16 5.44
CA SER B 29 0.66 7.01 4.25
C SER B 29 0.01 8.32 3.81
N GLY B 30 -0.54 8.34 2.60
CA GLY B 30 -1.29 9.50 2.10
C GLY B 30 -0.45 10.71 1.72
N PHE B 31 0.84 10.49 1.47
CA PHE B 31 1.74 11.60 1.22
C PHE B 31 2.19 11.66 -0.23
N HIS B 32 2.48 12.90 -0.65
CA HIS B 32 3.06 13.17 -1.96
C HIS B 32 3.80 14.50 -1.83
N PRO B 33 5.03 14.61 -2.38
CA PRO B 33 5.83 13.61 -3.08
C PRO B 33 6.39 12.47 -2.20
N SER B 34 7.18 11.61 -2.83
CA SER B 34 7.65 10.37 -2.19
C SER B 34 8.78 10.49 -1.18
N ASP B 35 9.67 11.47 -1.35
CA ASP B 35 10.78 11.68 -0.42
CA ASP B 35 10.79 11.70 -0.43
C ASP B 35 10.25 12.02 0.97
N ILE B 36 10.74 11.31 1.98
CA ILE B 36 10.26 11.48 3.36
C ILE B 36 11.35 10.95 4.30
N GLU B 37 11.44 11.55 5.48
CA GLU B 37 12.35 11.06 6.50
C GLU B 37 11.55 10.52 7.67
N VAL B 38 11.85 9.29 8.08
CA VAL B 38 11.17 8.60 9.17
C VAL B 38 12.20 7.96 10.11
N ASP B 39 12.14 8.33 11.38
CA ASP B 39 12.99 7.74 12.42
C ASP B 39 12.13 7.13 13.50
N LEU B 40 12.60 6.00 14.04
CA LEU B 40 12.09 5.47 15.27
C LEU B 40 12.99 5.93 16.43
N LEU B 41 12.36 6.39 17.51
CA LEU B 41 13.06 6.90 18.68
C LEU B 41 12.85 6.04 19.91
N LYS B 42 13.95 5.75 20.61
CA LYS B 42 13.91 5.12 21.94
C LYS B 42 14.38 6.17 22.95
N ASN B 43 13.51 6.53 23.89
CA ASN B 43 13.80 7.58 24.86
C ASN B 43 14.39 8.86 24.24
N GLY B 44 13.76 9.31 23.14
CA GLY B 44 14.19 10.51 22.42
C GLY B 44 15.34 10.32 21.42
N GLU B 45 15.96 9.15 21.45
N GLU B 45 15.99 9.17 21.48
CA GLU B 45 17.17 8.90 20.66
CA GLU B 45 17.18 8.88 20.67
C GLU B 45 16.88 8.04 19.45
C GLU B 45 16.85 8.06 19.43
N ARG B 46 17.42 8.45 18.29
CA ARG B 46 17.22 7.75 17.02
C ARG B 46 17.78 6.32 17.09
N ILE B 47 16.92 5.35 16.76
CA ILE B 47 17.32 3.94 16.61
C ILE B 47 17.99 3.77 15.25
N GLU B 48 19.13 3.09 15.23
CA GLU B 48 19.94 2.94 14.02
C GLU B 48 19.48 1.78 13.13
N LYS B 49 19.05 0.67 13.73
CA LYS B 49 18.68 -0.48 12.91
C LYS B 49 17.19 -0.45 12.49
N VAL B 50 16.85 0.41 11.53
CA VAL B 50 15.46 0.54 11.06
C VAL B 50 15.31 0.17 9.57
N GLU B 51 14.41 -0.77 9.28
CA GLU B 51 14.14 -1.16 7.92
C GLU B 51 12.82 -0.56 7.45
N HIS B 52 12.66 -0.42 6.13
CA HIS B 52 11.39 0.01 5.56
C HIS B 52 10.96 -0.84 4.37
N SER B 53 9.64 -0.91 4.17
CA SER B 53 9.06 -1.59 3.01
C SER B 53 9.46 -0.89 1.69
N ASP B 54 9.23 -1.59 0.57
CA ASP B 54 9.38 -1.00 -0.76
C ASP B 54 8.22 -0.02 -1.05
N LEU B 55 8.58 1.16 -1.57
CA LEU B 55 7.61 2.20 -1.93
C LEU B 55 6.48 1.70 -2.82
N SER B 56 5.25 1.91 -2.35
CA SER B 56 4.06 1.62 -3.15
C SER B 56 3.06 2.75 -2.93
N PHE B 57 1.90 2.67 -3.58
CA PHE B 57 0.93 3.76 -3.52
C PHE B 57 -0.53 3.27 -3.63
N SER B 58 -1.46 4.11 -3.17
CA SER B 58 -2.89 3.84 -3.17
C SER B 58 -3.48 4.31 -4.49
N LYS B 59 -4.76 4.00 -4.70
N LYS B 59 -4.76 4.02 -4.71
CA LYS B 59 -5.51 4.39 -5.91
CA LYS B 59 -5.45 4.39 -5.97
C LYS B 59 -5.38 5.87 -6.22
C LYS B 59 -5.48 5.89 -6.24
N ASP B 60 -5.42 6.69 -5.17
CA ASP B 60 -5.34 8.14 -5.30
C ASP B 60 -3.92 8.63 -5.57
N TRP B 61 -3.00 7.70 -5.82
CA TRP B 61 -1.58 7.98 -6.09
C TRP B 61 -0.74 8.38 -4.87
N SER B 62 -1.35 8.45 -3.69
CA SER B 62 -0.54 8.78 -2.51
C SER B 62 0.30 7.58 -2.06
N PHE B 63 1.51 7.85 -1.58
CA PHE B 63 2.49 6.83 -1.20
C PHE B 63 2.29 6.33 0.23
N TYR B 64 2.75 5.11 0.48
CA TYR B 64 2.80 4.57 1.85
C TYR B 64 4.05 3.73 2.06
N LEU B 65 4.59 3.81 3.27
CA LEU B 65 5.74 3.00 3.70
C LEU B 65 5.56 2.53 5.14
N LEU B 66 6.07 1.34 5.42
CA LEU B 66 6.15 0.83 6.79
C LEU B 66 7.62 0.83 7.18
N TYR B 67 7.95 1.55 8.25
CA TYR B 67 9.28 1.48 8.87
C TYR B 67 9.15 0.60 10.13
N TYR B 68 10.14 -0.24 10.39
CA TYR B 68 10.03 -1.20 11.48
C TYR B 68 11.38 -1.60 12.05
N THR B 69 11.37 -1.99 13.31
CA THR B 69 12.58 -2.41 14.03
C THR B 69 12.20 -3.42 15.12
N GLU B 70 13.07 -4.42 15.33
CA GLU B 70 12.91 -5.36 16.45
C GLU B 70 13.13 -4.60 17.75
N PHE B 71 12.30 -4.88 18.75
CA PHE B 71 12.51 -4.31 20.09
C PHE B 71 11.85 -5.16 21.16
N THR B 72 12.40 -5.05 22.37
CA THR B 72 11.79 -5.66 23.55
C THR B 72 11.27 -4.56 24.46
N PRO B 73 9.93 -4.44 24.57
CA PRO B 73 9.37 -3.43 25.46
C PRO B 73 9.78 -3.63 26.93
N THR B 74 9.93 -2.52 27.65
CA THR B 74 10.02 -2.55 29.12
C THR B 74 9.07 -1.51 29.68
N GLU B 75 8.88 -1.54 31.00
CA GLU B 75 7.99 -0.59 31.66
C GLU B 75 8.34 0.86 31.35
N LYS B 76 9.64 1.16 31.39
CA LYS B 76 10.14 2.53 31.45
CA LYS B 76 10.06 2.56 31.42
C LYS B 76 10.62 3.11 30.10
N ASP B 77 10.79 2.26 29.10
CA ASP B 77 11.20 2.76 27.79
C ASP B 77 10.03 3.41 27.05
N GLU B 78 10.27 4.61 26.54
CA GLU B 78 9.27 5.31 25.74
C GLU B 78 9.69 5.30 24.27
N TYR B 79 8.74 5.04 23.37
CA TYR B 79 9.04 4.95 21.93
C TYR B 79 8.20 5.93 21.12
N ALA B 80 8.76 6.40 20.01
CA ALA B 80 8.10 7.37 19.11
C ALA B 80 8.60 7.22 17.67
N CYS B 81 7.89 7.87 16.75
CA CYS B 81 8.28 7.97 15.36
C CYS B 81 8.32 9.44 15.00
N ARG B 82 9.45 9.87 14.45
CA ARG B 82 9.64 11.25 13.99
C ARG B 82 9.62 11.29 12.46
N VAL B 83 8.73 12.09 11.90
CA VAL B 83 8.55 12.19 10.46
C VAL B 83 8.82 13.61 9.99
N ASN B 84 9.62 13.74 8.93
CA ASN B 84 9.74 15.02 8.21
C ASN B 84 9.44 14.84 6.72
N HIS B 85 8.73 15.81 6.16
CA HIS B 85 8.26 15.82 4.77
C HIS B 85 8.17 17.27 4.29
N VAL B 86 8.21 17.49 2.99
CA VAL B 86 8.13 18.86 2.42
C VAL B 86 6.96 19.68 3.00
N THR B 87 5.84 19.01 3.22
CA THR B 87 4.61 19.61 3.74
C THR B 87 4.66 19.95 5.25
N LEU B 88 5.76 19.60 5.92
CA LEU B 88 5.87 19.85 7.36
C LEU B 88 6.90 20.93 7.69
N SER B 89 6.49 21.90 8.51
CA SER B 89 7.37 22.99 8.94
C SER B 89 8.36 22.52 9.99
N GLN B 90 7.87 21.66 10.89
CA GLN B 90 8.69 21.03 11.92
C GLN B 90 8.46 19.52 11.80
N PRO B 91 9.48 18.70 12.09
CA PRO B 91 9.23 17.25 12.18
C PRO B 91 8.03 16.95 13.09
N LYS B 92 7.24 15.95 12.74
CA LYS B 92 6.10 15.53 13.56
C LYS B 92 6.46 14.29 14.38
N ILE B 93 6.24 14.36 15.69
CA ILE B 93 6.53 13.25 16.61
C ILE B 93 5.24 12.64 17.13
N VAL B 94 5.11 11.32 16.95
CA VAL B 94 3.96 10.59 17.47
C VAL B 94 4.49 9.55 18.45
N LYS B 95 3.97 9.54 19.67
CA LYS B 95 4.42 8.57 20.68
C LYS B 95 3.70 7.23 20.50
N TRP B 96 4.43 6.15 20.74
CA TRP B 96 3.80 4.84 20.85
C TRP B 96 3.02 4.75 22.15
N ASP B 97 1.74 4.47 22.02
CA ASP B 97 0.82 4.33 23.13
C ASP B 97 0.38 2.87 23.14
N ARG B 98 0.91 2.11 24.10
CA ARG B 98 0.66 0.67 24.22
C ARG B 98 -0.63 0.31 24.98
N ASP B 99 -1.23 1.29 25.68
CA ASP B 99 -2.52 1.11 26.35
C ASP B 99 -3.74 1.24 25.42
N MET B 100 -3.53 1.86 24.26
CA MET B 100 -4.58 2.08 23.25
C MET B 100 -5.52 0.88 23.09
N ASN C 1 3.92 -11.97 -13.61
CA ASN C 1 4.53 -11.92 -14.97
C ASN C 1 4.21 -10.56 -15.58
N LEU C 2 5.24 -9.73 -15.75
CA LEU C 2 5.09 -8.34 -16.22
C LEU C 2 4.68 -8.30 -17.70
N VAL C 3 4.02 -7.19 -18.08
CA VAL C 3 3.67 -6.94 -19.48
C VAL C 3 4.95 -6.93 -20.36
N PRO C 4 4.87 -7.54 -21.56
CA PRO C 4 6.05 -7.65 -22.43
C PRO C 4 6.66 -6.34 -22.91
N SER C 5 5.83 -5.31 -23.09
CA SER C 5 6.31 -4.06 -23.66
C SER C 5 5.55 -2.89 -23.05
N VAL C 6 6.25 -1.77 -22.89
CA VAL C 6 5.66 -0.58 -22.31
C VAL C 6 5.93 0.60 -23.23
N ALA C 7 4.87 1.11 -23.86
CA ALA C 7 5.01 2.21 -24.82
C ALA C 7 5.37 3.52 -24.09
N THR C 8 6.21 4.36 -24.71
CA THR C 8 6.56 5.68 -24.15
C THR C 8 5.38 6.65 -24.35
N VAL C 9 5.23 7.64 -23.47
CA VAL C 9 4.17 8.66 -23.57
C VAL C 9 4.43 9.71 -24.65
#